data_8PG7
#
_entry.id   8PG7
#
_cell.length_a   39.302
_cell.length_b   67.869
_cell.length_c   40.101
_cell.angle_alpha   90.000
_cell.angle_beta   93.530
_cell.angle_gamma   90.000
#
_symmetry.space_group_name_H-M   'P 1 21 1'
#
loop_
_entity.id
_entity.type
_entity.pdbx_description
1 polymer 'Beta-lactamase VIM-1'
2 non-polymer 'ZINC ION'
3 non-polymer '7-[(1~{S})-1-[3-(4-azanylbutyl)-2,5-bis(oxidanylidene)imidazolidin-1-yl]ethyl]-3-[3-fluoranyl-4-(methylsulfonylmethyl)phenyl]-1~{H}-indole-2-carboxylic acid'
4 water water
#
_entity_poly.entity_id   1
_entity_poly.type   'polypeptide(L)'
_entity_poly.pdbx_seq_one_letter_code
;MLKVISSLLVYMTASVMAVASPLAHSGEPSGEYPTVNEIPVGEVRLYQIADGVWSHIATQSFDGAVYPSNGLIVRDGDEL
LLIDTAWGAKNTAALLAEIEKQIGLPVTRAVSTHFHDDRVGGVDVLRAAGVATYASPSTRRLAEAEGNEIPTHSLEGLSS
SGDAVRFGPVELFYPGAAHSTDNLVVYVPSANVLYGGCAVHELSSTSAGNVADADLAEWPTSVERIQKHYPEAEVVIPGH
GLPGGLDLLQHTANVVKAHKNRSVAE
;
_entity_poly.pdbx_strand_id   A
#
loop_
_chem_comp.id
_chem_comp.type
_chem_comp.name
_chem_comp.formula
YV3 non-polymer '7-[(1~{S})-1-[3-(4-azanylbutyl)-2,5-bis(oxidanylidene)imidazolidin-1-yl]ethyl]-3-[3-fluoranyl-4-(methylsulfonylmethyl)phenyl]-1~{H}-indole-2-carboxylic acid' 'C26 H29 F N4 O6 S'
ZN non-polymer 'ZINC ION' 'Zn 2'
#
# COMPACT_ATOMS: atom_id res chain seq x y z
N SER A 30 -19.33 -4.60 -9.94
CA SER A 30 -19.78 -4.11 -11.26
C SER A 30 -19.38 -2.63 -11.51
N GLY A 31 -18.13 -2.30 -11.19
CA GLY A 31 -17.60 -0.94 -11.40
C GLY A 31 -17.38 -0.07 -10.17
N GLU A 32 -18.10 -0.30 -9.07
CA GLU A 32 -17.87 0.40 -7.80
C GLU A 32 -16.58 -0.09 -7.18
N TYR A 33 -16.01 0.70 -6.26
CA TYR A 33 -14.75 0.25 -5.65
C TYR A 33 -15.07 -0.97 -4.79
N PRO A 34 -14.31 -2.09 -4.94
CA PRO A 34 -14.59 -3.35 -4.21
C PRO A 34 -14.45 -3.20 -2.70
N THR A 35 -15.52 -3.58 -1.94
N THR A 35 -15.22 -4.03 -2.05
CA THR A 35 -15.55 -3.31 -0.49
CA THR A 35 -15.22 -4.11 -0.65
C THR A 35 -15.44 -4.60 0.33
C THR A 35 -15.28 -5.56 -0.27
N VAL A 36 -15.23 -4.43 1.67
N VAL A 36 -15.13 -5.79 1.02
CA VAL A 36 -14.77 -5.52 2.52
CA VAL A 36 -15.19 -7.15 1.50
C VAL A 36 -15.76 -6.67 2.54
C VAL A 36 -16.49 -7.83 1.12
N ASN A 37 -17.06 -6.36 2.63
N ASN A 37 -17.57 -7.10 0.92
CA ASN A 37 -18.09 -7.38 2.61
CA ASN A 37 -18.83 -7.74 0.60
C ASN A 37 -18.35 -7.94 1.22
C ASN A 37 -18.88 -8.21 -0.83
N GLU A 38 -17.74 -7.36 0.19
N GLU A 38 -17.98 -7.78 -1.71
CA GLU A 38 -17.92 -7.80 -1.19
CA GLU A 38 -18.00 -8.11 -3.14
C GLU A 38 -16.82 -8.75 -1.64
C GLU A 38 -16.76 -8.86 -3.64
N ILE A 39 -15.75 -8.91 -0.86
N ILE A 39 -15.87 -9.27 -2.75
CA ILE A 39 -14.55 -9.72 -1.21
CA ILE A 39 -14.72 -10.07 -3.11
C ILE A 39 -14.37 -10.82 -0.16
C ILE A 39 -15.00 -11.48 -2.61
N PRO A 40 -14.59 -12.07 -0.47
N PRO A 40 -15.10 -12.48 -3.49
CA PRO A 40 -14.27 -13.10 0.50
CA PRO A 40 -15.34 -13.86 -3.01
C PRO A 40 -12.78 -13.12 0.73
C PRO A 40 -14.20 -14.30 -2.11
N VAL A 41 -12.41 -13.54 1.92
N VAL A 41 -14.54 -15.24 -1.23
CA VAL A 41 -10.99 -13.69 2.12
CA VAL A 41 -13.60 -15.75 -0.24
C VAL A 41 -10.43 -14.81 1.25
C VAL A 41 -12.32 -16.21 -0.92
N GLY A 42 -9.31 -14.53 0.58
N GLY A 42 -11.18 -15.74 -0.40
CA GLY A 42 -8.71 -15.40 -0.42
CA GLY A 42 -9.88 -16.09 -0.90
C GLY A 42 -8.88 -14.98 -1.89
C GLY A 42 -9.52 -15.46 -2.23
N GLU A 43 -9.84 -14.12 -2.24
N GLU A 43 -10.28 -14.48 -2.71
CA GLU A 43 -9.95 -13.69 -3.65
CA GLU A 43 -9.96 -13.87 -4.01
C GLU A 43 -9.46 -12.26 -3.76
C GLU A 43 -9.46 -12.42 -3.83
N VAL A 44 -9.08 -11.84 -4.97
CA VAL A 44 -8.55 -10.50 -5.12
C VAL A 44 -9.30 -9.83 -6.26
N ARG A 45 -9.55 -8.53 -6.12
N ARG A 45 -9.56 -8.53 -6.12
CA ARG A 45 -10.10 -7.76 -7.20
CA ARG A 45 -10.11 -7.75 -7.20
C ARG A 45 -9.16 -6.62 -7.55
C ARG A 45 -9.19 -6.60 -7.55
N LEU A 46 -9.17 -6.24 -8.83
CA LEU A 46 -8.44 -5.09 -9.33
C LEU A 46 -9.42 -3.98 -9.65
N TYR A 47 -8.95 -2.74 -9.62
CA TYR A 47 -9.76 -1.58 -9.92
C TYR A 47 -8.89 -0.62 -10.74
N GLN A 48 -9.39 -0.25 -11.92
CA GLN A 48 -8.63 0.66 -12.76
C GLN A 48 -8.69 2.08 -12.19
N ILE A 49 -7.56 2.66 -11.90
CA ILE A 49 -7.46 4.01 -11.36
C ILE A 49 -7.25 5.02 -12.45
N ALA A 50 -6.34 4.71 -13.40
CA ALA A 50 -5.95 5.62 -14.46
C ALA A 50 -5.31 4.74 -15.52
N ASP A 51 -4.93 5.34 -16.64
CA ASP A 51 -4.22 4.58 -17.67
CA ASP A 51 -4.23 4.58 -17.67
C ASP A 51 -2.95 3.96 -17.10
N GLY A 52 -2.85 2.66 -17.16
CA GLY A 52 -1.68 1.95 -16.64
C GLY A 52 -1.53 1.99 -15.13
N VAL A 53 -2.62 2.25 -14.37
CA VAL A 53 -2.59 2.26 -12.93
C VAL A 53 -3.82 1.54 -12.40
N TRP A 54 -3.63 0.52 -11.57
CA TRP A 54 -4.71 -0.21 -10.92
C TRP A 54 -4.45 -0.24 -9.42
N SER A 55 -5.50 -0.32 -8.63
CA SER A 55 -5.32 -0.83 -7.27
C SER A 55 -5.71 -2.28 -7.22
N HIS A 56 -5.20 -2.98 -6.21
CA HIS A 56 -5.62 -4.33 -5.89
C HIS A 56 -6.23 -4.32 -4.50
N ILE A 57 -7.27 -5.11 -4.31
CA ILE A 57 -8.03 -5.16 -3.08
C ILE A 57 -8.21 -6.61 -2.67
N ALA A 58 -7.95 -6.91 -1.42
CA ALA A 58 -8.13 -8.24 -0.86
C ALA A 58 -8.60 -8.09 0.57
N THR A 59 -9.03 -9.21 1.16
CA THR A 59 -9.48 -9.13 2.54
CA THR A 59 -9.58 -9.22 2.51
C THR A 59 -8.76 -10.18 3.37
N GLN A 60 -8.60 -9.86 4.65
CA GLN A 60 -7.89 -10.76 5.55
C GLN A 60 -8.47 -10.59 6.95
N SER A 61 -8.31 -11.64 7.75
N SER A 61 -8.37 -11.65 7.73
CA SER A 61 -8.71 -11.71 9.15
CA SER A 61 -8.73 -11.55 9.13
C SER A 61 -7.48 -11.39 10.00
C SER A 61 -7.51 -11.40 10.02
N PHE A 62 -7.67 -10.62 11.06
CA PHE A 62 -6.60 -10.37 12.05
C PHE A 62 -7.30 -10.16 13.38
N ASP A 63 -6.88 -10.91 14.40
CA ASP A 63 -7.48 -10.83 15.71
C ASP A 63 -9.00 -10.94 15.68
N GLY A 64 -9.51 -11.81 14.78
CA GLY A 64 -10.93 -12.11 14.78
C GLY A 64 -11.82 -11.07 14.13
N ALA A 65 -11.26 -10.16 13.35
CA ALA A 65 -12.07 -9.24 12.56
C ALA A 65 -11.53 -9.29 11.13
N VAL A 66 -12.39 -8.95 10.20
CA VAL A 66 -12.07 -8.93 8.77
C VAL A 66 -11.87 -7.52 8.29
N TYR A 67 -10.83 -7.31 7.48
CA TYR A 67 -10.46 -6.02 6.97
C TYR A 67 -10.15 -6.10 5.49
N PRO A 68 -10.47 -5.06 4.70
CA PRO A 68 -9.92 -4.92 3.36
C PRO A 68 -8.55 -4.29 3.43
N SER A 69 -7.83 -4.36 2.32
N SER A 69 -7.76 -4.44 2.38
CA SER A 69 -6.52 -3.76 2.18
CA SER A 69 -6.57 -3.65 2.19
C SER A 69 -6.24 -3.54 0.71
C SER A 69 -6.27 -3.50 0.72
N ASN A 70 -5.58 -2.42 0.40
CA ASN A 70 -5.23 -2.05 -0.94
C ASN A 70 -3.72 -2.22 -1.20
N GLY A 71 -3.40 -2.38 -2.49
CA GLY A 71 -2.08 -2.15 -3.05
C GLY A 71 -2.22 -1.50 -4.42
N LEU A 72 -1.10 -1.38 -5.13
CA LEU A 72 -1.05 -0.70 -6.41
C LEU A 72 -0.35 -1.57 -7.45
N ILE A 73 -0.73 -1.39 -8.71
CA ILE A 73 -0.07 -2.00 -9.85
C ILE A 73 0.15 -0.88 -10.86
N VAL A 74 1.39 -0.75 -11.36
CA VAL A 74 1.69 0.32 -12.30
C VAL A 74 2.38 -0.29 -13.51
N ARG A 75 1.87 0.02 -14.70
N ARG A 75 1.86 -0.02 -14.70
CA ARG A 75 2.48 -0.47 -15.93
CA ARG A 75 2.51 -0.50 -15.89
C ARG A 75 3.84 0.19 -16.16
C ARG A 75 3.88 0.16 -16.05
N ASP A 76 4.83 -0.68 -16.42
CA ASP A 76 6.29 -0.35 -16.51
C ASP A 76 6.73 -0.92 -17.88
N GLY A 77 6.37 -0.21 -18.93
CA GLY A 77 6.55 -0.68 -20.30
C GLY A 77 5.74 -1.90 -20.65
N ASP A 78 6.37 -3.05 -20.91
CA ASP A 78 5.64 -4.31 -21.07
C ASP A 78 5.77 -5.20 -19.82
N GLU A 79 6.09 -4.62 -18.69
CA GLU A 79 6.14 -5.32 -17.40
C GLU A 79 5.26 -4.52 -16.41
N LEU A 80 5.10 -5.07 -15.23
CA LEU A 80 4.36 -4.43 -14.14
C LEU A 80 5.21 -4.27 -12.91
N LEU A 81 5.03 -3.14 -12.24
CA LEU A 81 5.52 -2.86 -10.88
C LEU A 81 4.38 -3.05 -9.91
N LEU A 82 4.58 -3.87 -8.90
CA LEU A 82 3.60 -4.11 -7.84
C LEU A 82 3.99 -3.31 -6.60
N ILE A 83 3.04 -2.63 -5.98
CA ILE A 83 3.22 -2.00 -4.69
C ILE A 83 2.35 -2.71 -3.67
N ASP A 84 3.02 -3.36 -2.72
CA ASP A 84 2.44 -4.10 -1.58
C ASP A 84 1.82 -5.42 -1.99
N THR A 85 1.95 -6.38 -1.07
CA THR A 85 1.28 -7.66 -1.20
C THR A 85 -0.21 -7.50 -0.94
N ALA A 86 -0.93 -8.63 -1.09
CA ALA A 86 -2.36 -8.69 -0.84
C ALA A 86 -2.70 -9.22 0.55
N TRP A 87 -1.76 -9.10 1.50
CA TRP A 87 -1.99 -9.45 2.90
C TRP A 87 -2.16 -10.95 3.05
N GLY A 88 -1.09 -11.69 2.88
CA GLY A 88 -1.07 -13.13 3.08
C GLY A 88 -0.56 -13.87 1.85
N ALA A 89 -0.02 -15.05 2.09
CA ALA A 89 0.50 -15.90 1.01
C ALA A 89 -0.59 -16.31 0.02
N LYS A 90 -1.70 -16.86 0.50
N LYS A 90 -1.71 -16.83 0.50
CA LYS A 90 -2.75 -17.28 -0.41
CA LYS A 90 -2.72 -17.27 -0.44
C LYS A 90 -3.35 -16.11 -1.16
C LYS A 90 -3.36 -16.10 -1.17
N ASN A 91 -3.62 -15.00 -0.46
CA ASN A 91 -4.14 -13.82 -1.13
C ASN A 91 -3.17 -13.33 -2.22
N THR A 92 -1.88 -13.38 -1.95
CA THR A 92 -0.89 -12.89 -2.91
C THR A 92 -0.75 -13.82 -4.12
N ALA A 93 -0.89 -15.13 -3.91
CA ALA A 93 -0.98 -16.04 -5.06
C ALA A 93 -2.20 -15.70 -5.92
N ALA A 94 -3.33 -15.43 -5.24
CA ALA A 94 -4.55 -15.07 -5.95
C ALA A 94 -4.39 -13.75 -6.69
N LEU A 95 -3.62 -12.82 -6.13
CA LEU A 95 -3.33 -11.54 -6.77
C LEU A 95 -2.57 -11.76 -8.09
N LEU A 96 -1.54 -12.58 -8.05
CA LEU A 96 -0.80 -12.88 -9.26
C LEU A 96 -1.71 -13.48 -10.32
N ALA A 97 -2.61 -14.37 -9.92
CA ALA A 97 -3.51 -15.00 -10.89
C ALA A 97 -4.47 -13.96 -11.45
N GLU A 98 -4.97 -13.08 -10.60
CA GLU A 98 -5.88 -12.03 -11.04
C GLU A 98 -5.22 -11.07 -12.03
N ILE A 99 -3.96 -10.73 -11.76
CA ILE A 99 -3.22 -9.88 -12.67
C ILE A 99 -3.03 -10.58 -14.02
N GLU A 100 -2.72 -11.88 -14.02
CA GLU A 100 -2.56 -12.57 -15.27
C GLU A 100 -3.86 -12.57 -16.08
N LYS A 101 -4.98 -12.79 -15.39
CA LYS A 101 -6.31 -12.83 -16.01
C LYS A 101 -6.70 -11.46 -16.58
N GLN A 102 -6.46 -10.39 -15.85
CA GLN A 102 -7.01 -9.08 -16.15
C GLN A 102 -6.07 -8.21 -16.96
N ILE A 103 -4.77 -8.40 -16.82
CA ILE A 103 -3.76 -7.52 -17.42
C ILE A 103 -2.82 -8.27 -18.34
N GLY A 104 -2.29 -9.39 -17.89
CA GLY A 104 -1.52 -10.28 -18.75
C GLY A 104 -0.12 -9.87 -19.04
N LEU A 105 0.45 -8.99 -18.23
CA LEU A 105 1.83 -8.61 -18.29
C LEU A 105 2.54 -9.10 -17.04
N PRO A 106 3.83 -9.40 -17.12
CA PRO A 106 4.51 -10.03 -15.99
C PRO A 106 4.85 -9.01 -14.90
N VAL A 107 4.61 -9.40 -13.65
CA VAL A 107 5.08 -8.62 -12.50
C VAL A 107 6.54 -8.93 -12.29
N THR A 108 7.40 -7.91 -12.47
CA THR A 108 8.83 -8.17 -12.38
C THR A 108 9.43 -7.65 -11.08
N ARG A 109 8.83 -6.64 -10.46
CA ARG A 109 9.36 -6.02 -9.26
C ARG A 109 8.18 -5.71 -8.36
N ALA A 110 8.46 -5.72 -7.04
CA ALA A 110 7.50 -5.30 -6.03
C ALA A 110 8.20 -4.45 -4.98
N VAL A 111 7.50 -3.44 -4.49
CA VAL A 111 7.96 -2.62 -3.38
C VAL A 111 6.92 -2.76 -2.27
N SER A 112 7.41 -2.98 -1.04
CA SER A 112 6.56 -2.98 0.14
C SER A 112 6.76 -1.66 0.87
N THR A 113 5.65 -1.02 1.23
CA THR A 113 5.70 0.36 1.74
C THR A 113 5.82 0.46 3.25
N HIS A 114 5.67 -0.63 4.00
CA HIS A 114 6.14 -0.73 5.39
C HIS A 114 6.16 -2.19 5.77
N PHE A 115 6.48 -2.47 7.04
CA PHE A 115 6.87 -3.83 7.44
C PHE A 115 5.71 -4.72 7.86
N HIS A 116 4.48 -4.20 7.95
CA HIS A 116 3.37 -5.00 8.47
C HIS A 116 2.94 -6.05 7.43
N ASP A 117 2.19 -7.05 7.94
CA ASP A 117 1.78 -8.19 7.11
C ASP A 117 0.90 -7.83 5.95
N ASP A 118 0.16 -6.76 6.03
CA ASP A 118 -0.65 -6.28 4.90
C ASP A 118 0.20 -5.67 3.77
N ARG A 119 1.49 -5.56 3.97
CA ARG A 119 2.42 -5.02 3.00
C ARG A 119 3.48 -6.01 2.54
N VAL A 120 3.94 -6.90 3.43
CA VAL A 120 4.98 -7.88 3.14
C VAL A 120 4.47 -9.31 3.21
N GLY A 121 3.28 -9.59 3.76
CA GLY A 121 2.85 -10.99 3.85
C GLY A 121 2.47 -11.42 2.46
N GLY A 122 3.20 -12.38 1.90
CA GLY A 122 3.14 -12.72 0.50
C GLY A 122 4.42 -12.45 -0.24
N VAL A 123 5.41 -11.80 0.36
CA VAL A 123 6.69 -11.62 -0.30
C VAL A 123 7.37 -12.95 -0.63
N ASP A 124 7.21 -13.98 0.18
CA ASP A 124 7.80 -15.28 -0.13
C ASP A 124 7.17 -15.83 -1.41
N VAL A 125 5.83 -15.74 -1.53
CA VAL A 125 5.12 -16.14 -2.77
C VAL A 125 5.67 -15.37 -3.96
N LEU A 126 5.81 -14.05 -3.80
CA LEU A 126 6.32 -13.24 -4.91
C LEU A 126 7.71 -13.69 -5.34
N ARG A 127 8.58 -13.86 -4.36
N ARG A 127 8.56 -13.89 -4.36
CA ARG A 127 9.95 -14.21 -4.68
CA ARG A 127 9.94 -14.25 -4.61
C ARG A 127 10.01 -15.58 -5.36
C ARG A 127 10.04 -15.60 -5.28
N ALA A 128 9.20 -16.56 -4.91
CA ALA A 128 9.20 -17.88 -5.53
C ALA A 128 8.59 -17.84 -6.92
N ALA A 129 7.85 -16.82 -7.26
CA ALA A 129 7.34 -16.61 -8.57
C ALA A 129 8.33 -15.86 -9.42
N GLY A 130 9.49 -15.50 -8.92
CA GLY A 130 10.50 -14.77 -9.68
C GLY A 130 10.38 -13.25 -9.64
N VAL A 131 9.51 -12.69 -8.80
CA VAL A 131 9.38 -11.23 -8.66
C VAL A 131 10.51 -10.77 -7.74
N ALA A 132 11.20 -9.72 -8.15
CA ALA A 132 12.24 -9.12 -7.32
C ALA A 132 11.57 -8.18 -6.31
N THR A 133 11.80 -8.42 -5.02
CA THR A 133 11.10 -7.71 -3.93
C THR A 133 12.04 -6.72 -3.27
N TYR A 134 11.52 -5.55 -3.01
CA TYR A 134 12.25 -4.39 -2.51
C TYR A 134 11.52 -3.75 -1.33
N ALA A 135 12.31 -3.14 -0.44
CA ALA A 135 11.79 -2.28 0.65
C ALA A 135 12.96 -1.47 1.16
N SER A 136 12.66 -0.42 1.91
CA SER A 136 13.72 0.32 2.57
C SER A 136 14.48 -0.59 3.55
N PRO A 137 15.72 -0.21 3.91
CA PRO A 137 16.41 -0.97 4.96
C PRO A 137 15.66 -0.92 6.27
N SER A 138 15.02 0.18 6.58
N SER A 138 14.98 0.19 6.56
CA SER A 138 14.22 0.24 7.79
CA SER A 138 14.19 0.27 7.80
C SER A 138 13.12 -0.82 7.78
C SER A 138 13.07 -0.75 7.81
N THR A 139 12.36 -0.87 6.71
CA THR A 139 11.31 -1.86 6.59
C THR A 139 11.86 -3.28 6.70
N ARG A 140 12.98 -3.55 6.05
CA ARG A 140 13.54 -4.90 6.07
C ARG A 140 13.94 -5.27 7.52
N ARG A 141 14.51 -4.33 8.28
N ARG A 141 14.55 -4.36 8.26
CA ARG A 141 14.93 -4.62 9.65
CA ARG A 141 14.93 -4.64 9.64
C ARG A 141 13.73 -4.84 10.57
C ARG A 141 13.69 -4.92 10.48
N LEU A 142 12.67 -4.06 10.36
CA LEU A 142 11.44 -4.20 11.17
C LEU A 142 10.73 -5.49 10.84
N ALA A 143 10.66 -5.82 9.56
CA ALA A 143 10.01 -7.08 9.16
C ALA A 143 10.72 -8.25 9.77
N GLU A 144 12.06 -8.26 9.69
CA GLU A 144 12.82 -9.37 10.24
C GLU A 144 12.57 -9.48 11.75
N ALA A 145 12.64 -8.35 12.46
CA ALA A 145 12.46 -8.38 13.90
C ALA A 145 11.08 -8.84 14.29
N GLU A 146 10.05 -8.56 13.48
CA GLU A 146 8.65 -8.89 13.75
CA GLU A 146 8.66 -8.90 13.76
C GLU A 146 8.33 -10.34 13.41
N GLY A 147 9.20 -11.03 12.66
CA GLY A 147 8.83 -12.34 12.14
C GLY A 147 7.96 -12.28 10.92
N ASN A 148 7.98 -11.17 10.18
CA ASN A 148 7.24 -11.05 8.97
C ASN A 148 8.17 -11.40 7.80
N GLU A 149 7.57 -11.57 6.62
CA GLU A 149 8.37 -11.90 5.45
C GLU A 149 9.22 -10.69 5.04
N ILE A 150 10.39 -10.98 4.45
CA ILE A 150 11.42 -9.97 4.30
C ILE A 150 11.72 -9.75 2.82
N PRO A 151 11.44 -8.56 2.28
CA PRO A 151 11.85 -8.24 0.89
C PRO A 151 13.35 -8.42 0.71
N THR A 152 13.73 -8.78 -0.50
CA THR A 152 15.13 -9.11 -0.78
C THR A 152 16.05 -7.90 -0.84
N HIS A 153 15.65 -6.85 -1.51
CA HIS A 153 16.53 -5.76 -1.90
C HIS A 153 16.23 -4.48 -1.13
N SER A 154 17.26 -3.82 -0.69
CA SER A 154 17.16 -2.60 0.08
C SER A 154 17.09 -1.39 -0.83
N LEU A 155 16.16 -0.50 -0.53
CA LEU A 155 15.99 0.80 -1.21
C LEU A 155 16.69 1.89 -0.41
N GLU A 156 17.88 2.24 -0.86
CA GLU A 156 18.65 3.32 -0.25
C GLU A 156 18.10 4.68 -0.69
N GLY A 157 18.57 5.73 -0.05
CA GLY A 157 18.16 7.06 -0.40
C GLY A 157 16.84 7.54 0.11
N LEU A 158 16.29 6.85 1.13
CA LEU A 158 14.98 7.11 1.68
C LEU A 158 15.00 7.28 3.19
N SER A 159 16.19 7.44 3.79
CA SER A 159 16.25 7.36 5.25
C SER A 159 15.93 8.66 5.95
N SER A 160 15.88 9.80 5.25
N SER A 160 15.86 9.79 5.25
CA SER A 160 15.53 11.07 5.89
CA SER A 160 15.62 11.10 5.85
C SER A 160 14.18 11.57 5.39
C SER A 160 14.27 11.65 5.36
N SER A 161 13.36 12.10 6.30
N SER A 161 13.48 12.17 6.29
CA SER A 161 12.06 12.60 5.87
CA SER A 161 12.18 12.72 5.93
C SER A 161 12.23 13.65 4.79
C SER A 161 12.31 13.67 4.74
N GLY A 162 11.40 13.55 3.78
CA GLY A 162 11.44 14.34 2.58
C GLY A 162 12.27 13.75 1.44
N ASP A 163 12.93 12.62 1.67
CA ASP A 163 13.69 11.96 0.62
C ASP A 163 12.75 11.35 -0.41
N ALA A 164 13.24 11.33 -1.64
CA ALA A 164 12.55 10.74 -2.76
C ALA A 164 13.54 10.06 -3.70
N VAL A 165 13.12 8.98 -4.29
CA VAL A 165 13.88 8.28 -5.30
C VAL A 165 12.94 7.81 -6.41
N ARG A 166 13.46 7.68 -7.62
N ARG A 166 13.48 7.63 -7.60
CA ARG A 166 12.68 7.11 -8.71
CA ARG A 166 12.68 7.05 -8.66
C ARG A 166 12.84 5.59 -8.73
C ARG A 166 12.85 5.55 -8.73
N PHE A 167 11.77 4.89 -9.13
CA PHE A 167 11.73 3.41 -9.21
C PHE A 167 10.79 3.07 -10.36
N GLY A 168 11.32 2.83 -11.56
CA GLY A 168 10.45 2.61 -12.69
C GLY A 168 9.52 3.77 -12.89
N PRO A 169 8.23 3.48 -13.08
CA PRO A 169 7.25 4.55 -13.36
C PRO A 169 6.74 5.28 -12.14
N VAL A 170 7.36 5.09 -10.99
CA VAL A 170 6.90 5.81 -9.80
C VAL A 170 8.04 6.58 -9.13
N GLU A 171 7.65 7.48 -8.25
CA GLU A 171 8.53 8.09 -7.27
C GLU A 171 8.15 7.52 -5.90
N LEU A 172 9.15 7.12 -5.14
CA LEU A 172 9.00 6.68 -3.75
C LEU A 172 9.40 7.85 -2.87
N PHE A 173 8.63 8.11 -1.81
CA PHE A 173 8.83 9.26 -0.93
C PHE A 173 8.69 8.83 0.51
N TYR A 174 9.64 9.21 1.34
CA TYR A 174 9.58 8.96 2.77
C TYR A 174 9.11 10.21 3.48
N PRO A 175 7.89 10.26 4.01
CA PRO A 175 7.38 11.52 4.54
C PRO A 175 7.74 11.74 5.98
N GLY A 176 8.35 10.78 6.63
CA GLY A 176 8.51 10.75 8.08
C GLY A 176 7.57 9.75 8.74
N ALA A 177 7.77 9.59 10.03
CA ALA A 177 6.98 8.62 10.80
C ALA A 177 5.51 9.01 10.80
N ALA A 178 4.65 8.02 10.69
CA ALA A 178 3.20 8.26 10.65
C ALA A 178 2.50 7.04 11.20
N HIS A 179 1.87 6.26 10.33
CA HIS A 179 1.31 4.98 10.73
C HIS A 179 2.36 4.03 11.25
N SER A 180 3.57 4.12 10.68
CA SER A 180 4.73 3.39 11.15
C SER A 180 5.93 4.28 10.93
N THR A 181 7.08 3.92 11.54
N THR A 181 7.06 3.91 11.54
CA THR A 181 8.23 4.78 11.36
CA THR A 181 8.26 4.71 11.41
C THR A 181 8.81 4.68 9.96
C THR A 181 8.85 4.64 10.00
N ASP A 182 8.57 3.58 9.27
CA ASP A 182 9.16 3.28 7.97
C ASP A 182 8.24 3.55 6.78
N ASN A 183 7.03 4.01 7.00
CA ASN A 183 6.08 4.07 5.89
C ASN A 183 6.54 4.95 4.72
N LEU A 184 6.40 4.43 3.54
CA LEU A 184 6.66 5.12 2.29
C LEU A 184 5.36 5.44 1.58
N VAL A 185 5.40 6.48 0.76
CA VAL A 185 4.31 6.80 -0.14
C VAL A 185 4.84 6.71 -1.57
N VAL A 186 3.92 6.52 -2.53
CA VAL A 186 4.28 6.26 -3.91
C VAL A 186 3.47 7.19 -4.79
N TYR A 187 4.13 7.91 -5.70
CA TYR A 187 3.48 8.79 -6.65
C TYR A 187 3.69 8.28 -8.07
N VAL A 188 2.63 8.34 -8.86
CA VAL A 188 2.70 7.95 -10.27
C VAL A 188 2.58 9.24 -11.05
N PRO A 189 3.70 9.80 -11.53
CA PRO A 189 3.62 11.15 -12.16
C PRO A 189 2.84 11.15 -13.45
N SER A 190 2.78 10.06 -14.18
CA SER A 190 2.08 10.10 -15.46
C SER A 190 0.60 10.32 -15.25
N ALA A 191 0.08 9.98 -14.09
CA ALA A 191 -1.34 10.01 -13.84
C ALA A 191 -1.70 10.87 -12.65
N ASN A 192 -0.73 11.49 -11.99
CA ASN A 192 -0.98 12.23 -10.77
C ASN A 192 -1.72 11.43 -9.72
N VAL A 193 -1.31 10.18 -9.56
CA VAL A 193 -1.89 9.28 -8.56
C VAL A 193 -0.96 9.20 -7.36
N LEU A 194 -1.50 9.52 -6.20
CA LEU A 194 -0.78 9.42 -4.92
C LEU A 194 -1.28 8.21 -4.16
N TYR A 195 -0.42 7.21 -3.99
CA TYR A 195 -0.72 6.06 -3.18
C TYR A 195 -0.12 6.32 -1.82
N GLY A 196 -0.99 6.62 -0.86
CA GLY A 196 -0.54 6.99 0.45
C GLY A 196 -0.16 5.82 1.31
N GLY A 197 -0.60 4.62 0.99
CA GLY A 197 -0.43 3.51 1.87
C GLY A 197 -1.10 3.77 3.22
N CYS A 198 -0.62 3.11 4.25
CA CYS A 198 -1.30 3.13 5.55
C CYS A 198 -1.09 4.45 6.30
N ALA A 199 -0.23 5.34 5.82
CA ALA A 199 -0.15 6.70 6.34
C ALA A 199 -1.36 7.56 5.98
N VAL A 200 -2.24 7.09 5.09
CA VAL A 200 -3.42 7.82 4.65
C VAL A 200 -4.64 6.95 4.83
N HIS A 201 -5.67 7.54 5.44
CA HIS A 201 -6.95 6.91 5.69
C HIS A 201 -8.01 7.39 4.73
N GLU A 202 -9.00 6.55 4.55
CA GLU A 202 -10.16 6.86 3.72
C GLU A 202 -11.05 7.90 4.40
N LEU A 203 -11.87 8.55 3.58
CA LEU A 203 -12.76 9.63 4.11
C LEU A 203 -13.78 9.16 5.12
N SER A 204 -14.29 7.94 4.98
CA SER A 204 -15.33 7.49 5.88
C SER A 204 -14.82 7.09 7.25
N SER A 205 -13.54 7.02 7.42
CA SER A 205 -13.00 6.72 8.72
C SER A 205 -13.26 7.80 9.74
N THR A 206 -13.52 7.37 10.95
CA THR A 206 -13.61 8.30 12.06
C THR A 206 -12.41 8.14 12.96
N SER A 207 -11.94 6.91 13.08
CA SER A 207 -10.74 6.50 13.79
C SER A 207 -9.55 6.28 12.88
N ALA A 208 -8.39 6.12 13.50
CA ALA A 208 -7.09 6.11 12.84
C ALA A 208 -6.51 4.71 12.67
N GLY A 209 -7.39 3.70 12.53
CA GLY A 209 -6.92 2.38 12.19
C GLY A 209 -6.09 1.73 13.27
N ASN A 210 -5.16 0.89 12.85
CA ASN A 210 -4.31 0.17 13.78
C ASN A 210 -3.06 1.00 14.04
N VAL A 211 -3.01 1.58 15.22
CA VAL A 211 -1.97 2.57 15.57
C VAL A 211 -0.87 1.95 16.42
N ALA A 212 -0.82 0.62 16.49
CA ALA A 212 0.11 -0.01 17.42
C ALA A 212 1.53 0.47 17.25
N ASP A 213 1.95 0.72 16.01
CA ASP A 213 3.33 1.06 15.68
C ASP A 213 3.46 2.50 15.20
N ALA A 214 2.44 3.32 15.42
CA ALA A 214 2.36 4.67 14.89
C ALA A 214 3.12 5.68 15.73
N ASP A 215 3.35 6.87 15.15
CA ASP A 215 3.86 8.04 15.86
C ASP A 215 2.78 9.10 15.68
N LEU A 216 1.81 9.16 16.61
CA LEU A 216 0.64 10.04 16.43
C LEU A 216 1.06 11.51 16.44
N ALA A 217 2.11 11.84 17.19
CA ALA A 217 2.56 13.21 17.30
C ALA A 217 3.20 13.69 16.00
N GLU A 218 3.97 12.83 15.32
CA GLU A 218 4.66 13.21 14.08
C GLU A 218 3.76 13.06 12.87
N TRP A 219 2.76 12.20 12.94
CA TRP A 219 1.94 11.89 11.77
C TRP A 219 1.41 13.12 11.07
N PRO A 220 0.83 14.13 11.74
CA PRO A 220 0.37 15.30 10.99
C PRO A 220 1.48 16.02 10.25
N THR A 221 2.68 16.10 10.84
CA THR A 221 3.82 16.72 10.17
C THR A 221 4.21 15.95 8.93
N SER A 222 4.17 14.63 9.03
CA SER A 222 4.45 13.79 7.88
C SER A 222 3.40 13.96 6.77
N VAL A 223 2.12 14.06 7.14
CA VAL A 223 1.09 14.34 6.16
C VAL A 223 1.28 15.69 5.50
N GLU A 224 1.62 16.73 6.29
N GLU A 224 1.64 16.72 6.28
CA GLU A 224 1.92 18.03 5.73
CA GLU A 224 1.93 18.04 5.73
C GLU A 224 3.03 17.94 4.67
C GLU A 224 3.06 17.97 4.70
N ARG A 225 4.06 17.11 4.92
CA ARG A 225 5.13 16.96 3.94
C ARG A 225 4.60 16.34 2.66
N ILE A 226 3.69 15.37 2.77
CA ILE A 226 3.08 14.79 1.59
C ILE A 226 2.32 15.85 0.81
N GLN A 227 1.49 16.63 1.52
CA GLN A 227 0.68 17.67 0.88
C GLN A 227 1.58 18.65 0.12
N LYS A 228 2.70 19.05 0.74
CA LYS A 228 3.60 20.01 0.13
C LYS A 228 4.31 19.42 -1.07
N HIS A 229 4.62 18.14 -1.04
CA HIS A 229 5.39 17.55 -2.13
C HIS A 229 4.54 17.19 -3.35
N TYR A 230 3.26 16.84 -3.13
CA TYR A 230 2.37 16.35 -4.18
C TYR A 230 1.07 17.17 -4.25
N PRO A 231 1.19 18.48 -4.49
CA PRO A 231 0.01 19.34 -4.48
C PRO A 231 -0.86 19.14 -5.70
N GLU A 232 -0.39 18.46 -6.73
CA GLU A 232 -1.19 18.24 -7.94
C GLU A 232 -1.78 16.84 -8.02
N ALA A 233 -1.70 16.07 -6.93
CA ALA A 233 -2.31 14.76 -6.94
C ALA A 233 -3.79 14.91 -7.25
N GLU A 234 -4.29 14.01 -8.08
CA GLU A 234 -5.68 13.96 -8.48
C GLU A 234 -6.46 12.82 -7.85
N VAL A 235 -5.82 11.72 -7.60
CA VAL A 235 -6.37 10.58 -6.89
C VAL A 235 -5.42 10.25 -5.76
N VAL A 236 -5.98 10.04 -4.59
CA VAL A 236 -5.27 9.60 -3.38
C VAL A 236 -5.85 8.28 -2.96
N ILE A 237 -4.98 7.28 -2.82
CA ILE A 237 -5.37 5.92 -2.46
C ILE A 237 -4.87 5.60 -1.06
N PRO A 238 -5.76 5.23 -0.13
CA PRO A 238 -5.35 4.88 1.23
C PRO A 238 -4.87 3.43 1.27
N GLY A 239 -4.21 3.06 2.37
CA GLY A 239 -3.81 1.66 2.55
C GLY A 239 -4.97 0.71 2.73
N HIS A 240 -6.11 1.23 3.23
CA HIS A 240 -7.34 0.47 3.45
C HIS A 240 -8.48 1.38 3.07
N GLY A 241 -9.43 0.89 2.28
CA GLY A 241 -10.66 1.64 1.98
C GLY A 241 -10.62 2.37 0.65
N LEU A 242 -11.55 3.29 0.50
N LEU A 242 -11.55 3.27 0.51
CA LEU A 242 -11.87 3.86 -0.81
CA LEU A 242 -11.85 3.84 -0.82
C LEU A 242 -10.91 4.98 -1.21
C LEU A 242 -10.90 4.97 -1.21
N PRO A 243 -10.43 5.00 -2.45
CA PRO A 243 -9.72 6.18 -2.96
C PRO A 243 -10.63 7.40 -3.02
N GLY A 244 -9.99 8.56 -3.02
CA GLY A 244 -10.66 9.84 -3.21
C GLY A 244 -9.70 10.84 -3.77
N GLY A 245 -9.87 12.09 -3.43
CA GLY A 245 -8.99 13.17 -3.81
C GLY A 245 -8.05 13.61 -2.69
N LEU A 246 -7.51 14.81 -2.86
CA LEU A 246 -6.59 15.37 -1.90
C LEU A 246 -7.18 15.46 -0.49
N ASP A 247 -8.51 15.54 -0.33
CA ASP A 247 -9.10 15.64 1.00
C ASP A 247 -8.68 14.52 1.92
N LEU A 248 -8.33 13.34 1.41
CA LEU A 248 -7.93 12.26 2.28
C LEU A 248 -6.76 12.67 3.14
N LEU A 249 -5.88 13.54 2.65
CA LEU A 249 -4.71 13.95 3.42
C LEU A 249 -5.11 14.74 4.67
N GLN A 250 -5.86 15.81 4.49
CA GLN A 250 -6.31 16.57 5.64
C GLN A 250 -7.17 15.72 6.57
N HIS A 251 -8.06 14.90 6.01
CA HIS A 251 -8.93 14.05 6.80
C HIS A 251 -8.07 13.16 7.70
N THR A 252 -7.00 12.59 7.14
CA THR A 252 -6.12 11.73 7.91
C THR A 252 -5.50 12.51 9.08
N ALA A 253 -4.97 13.71 8.81
CA ALA A 253 -4.41 14.52 9.87
C ALA A 253 -5.46 14.74 10.96
N ASN A 254 -6.70 15.00 10.58
CA ASN A 254 -7.77 15.29 11.52
C ASN A 254 -8.05 14.06 12.40
N VAL A 255 -8.21 12.89 11.77
CA VAL A 255 -8.53 11.69 12.53
C VAL A 255 -7.39 11.32 13.48
N VAL A 256 -6.17 11.52 13.05
CA VAL A 256 -5.04 11.18 13.89
C VAL A 256 -4.99 12.11 15.09
N LYS A 257 -5.19 13.43 14.87
CA LYS A 257 -5.18 14.39 15.98
C LYS A 257 -6.31 14.08 16.96
N ALA A 258 -7.47 13.68 16.45
CA ALA A 258 -8.60 13.39 17.34
C ALA A 258 -8.34 12.11 18.14
N HIS A 259 -7.64 11.14 17.54
CA HIS A 259 -7.25 9.93 18.25
C HIS A 259 -6.30 10.27 19.38
N LYS A 260 -5.19 10.94 19.05
CA LYS A 260 -4.27 11.43 20.07
C LYS A 260 -5.01 12.17 21.18
N ASN A 261 -5.94 13.06 20.81
CA ASN A 261 -6.75 13.76 21.82
C ASN A 261 -7.67 12.78 22.56
ZN ZN B . 0.60 -1.11 8.97
ZN ZN C . -2.32 -0.99 6.99
C13 YV3 D . -8.45 0.49 8.90
C13 YV3 D . -9.02 -0.47 10.99
C12 YV3 D . -7.26 -0.20 8.99
C12 YV3 D . -7.82 -1.15 11.05
C11 YV3 D . -6.95 -0.97 10.11
C11 YV3 D . -6.92 -0.97 10.01
C16 YV3 D . -10.71 1.13 9.84
C16 YV3 D . -10.69 1.10 9.89
C15 YV3 D . -9.37 0.39 9.94
C15 YV3 D . -9.35 0.37 9.94
C10 YV3 D . -5.62 -1.66 10.13
C10 YV3 D . -5.60 -1.67 10.03
C01 YV3 D . -1.50 -5.89 9.74
C01 YV3 D . -1.50 -5.95 9.79
C02 YV3 D . -1.87 -4.58 10.44
C02 YV3 D . -1.88 -4.62 10.45
C03 YV3 D . -3.38 -4.43 10.67
C03 YV3 D . -3.38 -4.43 10.68
C04 YV3 D . -4.01 -3.22 10.35
C04 YV3 D . -3.99 -3.23 10.29
C06 YV3 D . -4.39 -1.14 9.75
C06 YV3 D . -4.37 -1.19 9.58
C07 YV3 D . -4.04 0.24 9.35
C07 YV3 D . -4.01 0.15 9.09
C18 YV3 D . -9.30 3.63 9.71
C18 YV3 D . -9.63 3.78 9.61
C21 YV3 D . -9.07 -0.40 11.04
C21 YV3 D . -8.45 0.50 8.89
C22 YV3 D . -7.87 -1.08 11.14
C22 YV3 D . -7.24 -0.18 8.92
C23 YV3 D . -5.38 -3.00 10.52
C23 YV3 D . -5.35 -2.99 10.50
C24 YV3 D . -6.18 -4.06 11.01
C24 YV3 D . -6.14 -3.99 11.08
C25 YV3 D . -5.57 -5.28 11.34
C25 YV3 D . -5.55 -5.20 11.49
C26 YV3 D . -4.18 -5.48 11.17
C26 YV3 D . -4.17 -5.42 11.29
C28 YV3 D . -0.86 -3.09 12.19
C28 YV3 D . -0.82 -3.08 12.15
C30 YV3 D . -0.25 -3.22 13.53
C30 YV3 D . -0.27 -3.13 13.52
C32 YV3 D . 0.16 -5.26 15.09
C32 YV3 D . -0.03 -5.07 15.25
C33 YV3 D . 1.56 -5.80 14.70
C33 YV3 D . 1.44 -5.63 15.11
C34 YV3 D . 1.78 -7.23 15.21
C34 YV3 D . 1.49 -7.12 14.65
C35 YV3 D . 2.46 -8.09 14.12
C35 YV3 D . 2.89 -7.71 14.43
C37 YV3 D . -0.93 -5.35 12.72
C37 YV3 D . -1.06 -5.27 12.86
F14 YV3 D . -8.70 1.25 7.78
F14 YV3 D . -9.93 -0.59 12.00
N05 YV3 D . -3.46 -2.08 9.85
N05 YV3 D . -3.43 -2.13 9.71
N27 YV3 D . -1.16 -4.38 11.72
N27 YV3 D . -1.19 -4.37 11.73
N31 YV3 D . -0.31 -4.64 13.84
N31 YV3 D . -0.43 -4.51 13.94
N36 YV3 D . 3.35 -9.12 14.64
N36 YV3 D . 2.86 -8.93 13.67
O08 YV3 D . -3.04 0.42 8.60
O08 YV3 D . -3.12 0.31 8.22
O09 YV3 D . -4.63 1.19 9.96
O09 YV3 D . -4.43 1.10 9.82
O19 YV3 D . -11.83 3.58 10.34
O19 YV3 D . -11.97 3.30 10.70
O20 YV3 D . -10.39 2.68 11.99
O20 YV3 D . -10.01 2.60 11.99
O29 YV3 D . -1.06 -2.08 11.56
O29 YV3 D . -0.93 -2.11 11.44
O38 YV3 D . -1.14 -6.52 12.63
O38 YV3 D . -1.35 -6.43 12.90
S17 YV3 D . -10.62 2.80 10.56
S17 YV3 D . -10.63 2.74 10.66
H121 YV3 D . -6.55 -0.16 8.17
H121 YV3 D . -7.60 -1.81 11.88
H162 YV3 D . -10.99 1.21 8.80
H162 YV3 D . -10.99 1.22 8.85
H161 YV3 D . -11.46 0.56 10.38
H161 YV3 D . -11.43 0.50 10.40
H011 YV3 D . -2.26 -6.12 8.99
H011 YV3 D . -2.30 -6.25 9.11
H012 YV3 D . -1.45 -6.69 10.45
H012 YV3 D . -1.37 -6.71 10.55
H013 YV3 D . -0.54 -5.78 9.24
H013 YV3 D . -0.58 -5.83 9.23
H021 YV3 D . -1.52 -3.78 9.81
H021 YV3 D . -1.52 -3.87 9.76
H182 YV3 D . -9.39 4.70 9.86
H182 YV3 D . -9.86 4.82 9.82
H183 YV3 D . -9.36 3.41 8.65
H183 YV3 D . -9.86 3.56 8.57
H181 YV3 D . -8.35 3.28 10.11
H181 YV3 D . -8.59 3.58 9.80
H211 YV3 D . -9.79 -0.47 11.86
H211 YV3 D . -8.68 1.16 8.06
H221 YV3 D . -7.65 -1.72 11.99
H221 YV3 D . -6.56 -0.10 8.09
H241 YV3 D . -7.25 -3.92 11.12
H241 YV3 D . -7.20 -3.83 11.23
H251 YV3 D . -6.19 -6.09 11.72
H251 YV3 D . -6.16 -5.96 11.96
H261 YV3 D . -3.73 -6.43 11.42
H261 YV3 D . -3.72 -6.36 11.59
H302 YV3 D . -0.92 -2.72 14.23
H302 YV3 D . -0.91 -2.54 14.15
H301 YV3 D . 0.80 -2.98 13.44
H301 YV3 D . 0.80 -2.95 13.43
H322 YV3 D . -0.50 -6.07 15.39
H322 YV3 D . -0.70 -5.89 15.53
H321 YV3 D . 0.22 -4.53 15.88
H321 YV3 D . -0.06 -4.31 16.00
H332 YV3 D . 2.32 -5.15 15.14
H332 YV3 D . 1.95 -5.55 16.06
H331 YV3 D . 1.68 -5.78 13.62
H331 YV3 D . 1.98 -5.03 14.38
H342 YV3 D . 0.82 -7.67 15.47
H342 YV3 D . 0.94 -7.19 13.71
H341 YV3 D . 2.40 -7.21 16.09
H341 YV3 D . 0.99 -7.71 15.40
H351 YV3 D . 3.04 -7.43 13.48
H351 YV3 D . 3.32 -7.93 15.40
H352 YV3 D . 1.69 -8.57 13.54
H352 YV3 D . 3.49 -6.99 13.91
H051 YV3 D . -2.50 -1.97 9.61
H051 YV3 D . -2.48 -2.04 9.42
H362 YV3 D . 3.99 -9.35 13.90
H362 YV3 D . 3.32 -8.76 12.77
H361 YV3 D . 2.79 -9.95 14.84
H361 YV3 D . 3.32 -9.69 14.13
#